data_7UYO
#
_entry.id   7UYO
#
_cell.length_a   55.305
_cell.length_b   145.928
_cell.length_c   46.904
_cell.angle_alpha   90.000
_cell.angle_beta   90.000
_cell.angle_gamma   90.000
#
_symmetry.space_group_name_H-M   'P 21 21 2'
#
loop_
_entity.id
_entity.type
_entity.pdbx_description
1 polymer 'reverse transcriptase'
2 polymer "DNA (5'-D(*CP*TP*TP*(JSP)P*(JSP)P*(1WA)P*(IGU)P*(1W5))-3')"
3 polymer "DNA (5'-D(P*(1WA)P*(JSP)P*(1W5)P*(IGU)P*(IGU)P*AP*AP*G)-3')"
4 water water
#
loop_
_entity_poly.entity_id
_entity_poly.type
_entity_poly.pdbx_seq_one_letter_code
_entity_poly.pdbx_strand_id
1 'polypeptide(L)'
;GSHMTWLSDFPQAWAETGGMGLAVRQAPLIIPLKATSTPVSIKQYPMSQEARLGIKPHIQRLLDQGILVPCQSPWNTPLL
PVKKPGTNDYRPVQDLREVNKRVEDIHPTVPNPYNLLSGLPPSHQWYTVLDLKDAFFCLRLHPTSQPLFAFEWRDPEMGI
SGQLTWTRLPQGFKNSPTLFDEALHRDLADFRIQHPDLILLQYVDDLLLAATSELDCQQGTRALLQTLGNLGYRASAKKA
QICQKQVKYLGYLLKEGQRLTRGSGC
;
A
2 'polydeoxyribonucleotide' (DC)(DT)(DT)(JSP)(JSP)(1WA)(IGU)(1W5) B
3 'polydeoxyribonucleotide' (1WA)(JSP)(1W5)(IGU)(IGU)(DA)(DA)(DG) G
#
loop_
_chem_comp.id
_chem_comp.type
_chem_comp.name
_chem_comp.formula
1W5 DNA linking (1R)-1-(6-amino-2-hydroxy-5-nitropyridin-3-yl)-1,4-anhydro-2-deoxy-5-O-phosphono-D-erythro-pentitol 'C10 H14 N3 O9 P'
1WA DNA linking 2-amino-8-(2-deoxy-5-O-phosphono-beta-D-erythro-pentofuranosyl)-4-hydroxy-1H-imidazo[1,2-a][1,3,5]triazine-5,8-diium 'C10 H16 N5 O7 P 2'
DA DNA linking 2'-DEOXYADENOSINE-5'-MONOPHOSPHATE 'C10 H14 N5 O6 P'
DC DNA linking 2'-DEOXYCYTIDINE-5'-MONOPHOSPHATE 'C9 H14 N3 O7 P'
DG DNA linking 2'-DEOXYGUANOSINE-5'-MONOPHOSPHATE 'C10 H14 N5 O7 P'
DT DNA linking THYMIDINE-5'-MONOPHOSPHATE 'C10 H15 N2 O8 P'
IGU DNA linking 2'-DEOXYISOGUANINE-5'-MONOPHOSPHATE 'C10 H14 N5 O7 P'
JSP DNA linking (1R)-1-(4-amino-1-methyl-2-oxo-1,2-dihydropyrimidin-5-yl)-1,4-anhydro-2-deoxy-5-O-phosphono-D-erythro-pentitol 'C10 H16 N3 O7 P'
#
# COMPACT_ATOMS: atom_id res chain seq x y z
N THR A 5 -4.34 16.03 -21.18
CA THR A 5 -4.96 15.88 -19.86
C THR A 5 -3.98 15.24 -18.87
N TRP A 6 -4.44 15.08 -17.63
CA TRP A 6 -3.57 14.55 -16.59
C TRP A 6 -3.27 13.07 -16.80
N LEU A 7 -4.21 12.32 -17.37
CA LEU A 7 -3.96 10.89 -17.59
C LEU A 7 -2.92 10.67 -18.67
N SER A 8 -2.97 11.44 -19.76
CA SER A 8 -2.05 11.24 -20.87
C SER A 8 -0.65 11.75 -20.56
N ASP A 9 -0.55 12.80 -19.73
CA ASP A 9 0.73 13.43 -19.45
C ASP A 9 1.60 12.62 -18.49
N PHE A 10 1.01 11.71 -17.72
CA PHE A 10 1.74 10.94 -16.71
C PHE A 10 1.28 9.49 -16.73
N PRO A 11 1.54 8.77 -17.82
CA PRO A 11 1.05 7.38 -17.91
C PRO A 11 1.64 6.48 -16.85
N GLN A 12 2.89 6.73 -16.44
CA GLN A 12 3.55 5.91 -15.44
C GLN A 12 2.94 6.08 -14.06
N ALA A 13 2.43 7.27 -13.73
CA ALA A 13 1.97 7.57 -12.38
C ALA A 13 0.61 6.95 -12.04
N TRP A 14 -0.23 6.65 -13.02
CA TRP A 14 -1.58 6.19 -12.75
C TRP A 14 -1.69 4.68 -12.81
N ALA A 15 -2.41 4.09 -11.86
CA ALA A 15 -2.60 2.65 -11.85
C ALA A 15 -3.32 2.19 -13.10
N GLU A 16 -4.18 3.05 -13.65
CA GLU A 16 -4.97 2.71 -14.84
C GLU A 16 -4.07 2.40 -16.03
N THR A 17 -2.92 3.07 -16.15
CA THR A 17 -2.10 2.97 -17.33
C THR A 17 -0.66 2.52 -17.08
N GLY A 18 -0.24 2.39 -15.82
CA GLY A 18 1.17 2.14 -15.56
C GLY A 18 1.57 0.75 -15.14
N GLY A 19 0.63 -0.18 -15.04
CA GLY A 19 0.94 -1.50 -14.52
C GLY A 19 1.00 -1.50 -13.00
N MET A 20 1.11 -2.70 -12.44
CA MET A 20 1.26 -2.84 -11.00
C MET A 20 2.56 -2.17 -10.55
N GLY A 21 2.50 -1.51 -9.41
CA GLY A 21 3.67 -0.82 -8.91
C GLY A 21 4.70 -1.75 -8.31
N LEU A 22 5.86 -1.16 -8.02
CA LEU A 22 7.00 -1.82 -7.41
C LEU A 22 7.94 -0.70 -7.02
N ALA A 23 8.19 -0.52 -5.72
CA ALA A 23 9.04 0.56 -5.20
C ALA A 23 10.50 0.15 -5.39
N VAL A 24 11.08 0.59 -6.51
CA VAL A 24 12.37 0.07 -6.95
C VAL A 24 13.53 0.56 -6.11
N ARG A 25 13.35 1.63 -5.33
CA ARG A 25 14.44 2.14 -4.53
C ARG A 25 14.46 1.56 -3.14
N GLN A 26 13.43 0.80 -2.79
CA GLN A 26 13.27 0.31 -1.43
C GLN A 26 13.79 -1.11 -1.33
N ALA A 27 14.72 -1.35 -0.41
CA ALA A 27 15.23 -2.70 -0.24
C ALA A 27 14.11 -3.63 0.24
N PRO A 28 14.13 -4.90 -0.18
CA PRO A 28 13.18 -5.88 0.34
C PRO A 28 13.19 -5.93 1.85
N LEU A 29 12.00 -5.94 2.45
CA LEU A 29 11.86 -5.76 3.90
C LEU A 29 12.12 -7.07 4.62
N ILE A 30 12.91 -7.01 5.70
CA ILE A 30 13.08 -8.15 6.60
C ILE A 30 12.21 -7.89 7.82
N ILE A 31 11.44 -8.90 8.24
CA ILE A 31 10.49 -8.77 9.34
C ILE A 31 11.02 -9.48 10.58
N PRO A 32 11.54 -8.77 11.58
CA PRO A 32 12.11 -9.47 12.73
C PRO A 32 11.03 -10.07 13.62
N LEU A 33 11.31 -11.27 14.10
CA LEU A 33 10.41 -11.94 15.04
C LEU A 33 10.76 -11.57 16.47
N LYS A 34 9.78 -11.77 17.35
CA LYS A 34 10.07 -11.68 18.79
C LYS A 34 11.08 -12.74 19.19
N ALA A 35 11.75 -12.47 20.31
CA ALA A 35 12.90 -13.25 20.72
C ALA A 35 12.55 -14.71 20.95
N THR A 36 11.33 -15.02 21.39
CA THR A 36 10.96 -16.40 21.70
C THR A 36 10.06 -17.06 20.65
N SER A 37 9.79 -16.40 19.52
CA SER A 37 8.81 -16.94 18.58
C SER A 37 9.29 -18.20 17.87
N THR A 38 8.36 -19.12 17.62
CA THR A 38 8.57 -20.23 16.69
C THR A 38 7.40 -20.28 15.73
N PRO A 39 7.54 -20.98 14.60
CA PRO A 39 6.46 -20.95 13.60
C PRO A 39 5.18 -21.57 14.15
N VAL A 40 4.07 -21.06 13.63
CA VAL A 40 2.74 -21.59 13.95
C VAL A 40 2.13 -21.98 12.63
N SER A 41 1.53 -23.17 12.59
CA SER A 41 0.87 -23.69 11.39
C SER A 41 -0.58 -24.00 11.76
N ILE A 42 -1.47 -23.16 11.28
CA ILE A 42 -2.90 -23.31 11.55
C ILE A 42 -3.53 -23.97 10.34
N LYS A 43 -4.36 -24.99 10.58
CA LYS A 43 -4.98 -25.71 9.48
C LYS A 43 -5.98 -24.82 8.75
N GLN A 44 -6.01 -24.94 7.42
CA GLN A 44 -6.98 -24.21 6.62
C GLN A 44 -8.37 -24.79 6.85
N TYR A 45 -9.31 -23.96 7.26
CA TYR A 45 -10.69 -24.41 7.38
C TYR A 45 -11.21 -24.77 5.99
N PRO A 46 -11.91 -25.89 5.83
CA PRO A 46 -12.43 -26.22 4.51
C PRO A 46 -13.34 -25.10 4.04
N MET A 47 -13.21 -24.73 2.77
CA MET A 47 -14.08 -23.67 2.27
C MET A 47 -14.96 -24.22 1.17
N SER A 48 -16.15 -23.62 1.06
CA SER A 48 -17.14 -24.06 0.11
C SER A 48 -16.63 -23.87 -1.31
N GLN A 49 -17.25 -24.59 -2.24
CA GLN A 49 -16.90 -24.37 -3.64
C GLN A 49 -17.22 -22.94 -4.07
N GLU A 50 -18.32 -22.40 -3.58
CA GLU A 50 -18.72 -21.04 -3.94
C GLU A 50 -17.64 -20.05 -3.55
N ALA A 51 -17.15 -20.17 -2.31
CA ALA A 51 -16.06 -19.30 -1.86
C ALA A 51 -14.80 -19.50 -2.69
N ARG A 52 -14.44 -20.76 -2.96
CA ARG A 52 -13.22 -21.06 -3.69
C ARG A 52 -13.27 -20.52 -5.12
N LEU A 53 -14.40 -20.70 -5.81
CA LEU A 53 -14.50 -20.15 -7.16
C LEU A 53 -14.44 -18.62 -7.13
N GLY A 54 -14.96 -18.01 -6.07
CA GLY A 54 -14.90 -16.56 -5.97
C GLY A 54 -13.49 -16.06 -5.75
N ILE A 55 -12.71 -16.77 -4.94
CA ILE A 55 -11.34 -16.35 -4.62
C ILE A 55 -10.38 -16.64 -5.76
N LYS A 56 -10.61 -17.73 -6.50
CA LYS A 56 -9.65 -18.26 -7.46
C LYS A 56 -9.10 -17.24 -8.46
N PRO A 57 -9.91 -16.40 -9.13
CA PRO A 57 -9.33 -15.50 -10.13
C PRO A 57 -8.42 -14.46 -9.50
N HIS A 58 -8.68 -14.09 -8.24
CA HIS A 58 -7.78 -13.17 -7.52
C HIS A 58 -6.43 -13.82 -7.25
N ILE A 59 -6.44 -15.06 -6.76
CA ILE A 59 -5.19 -15.79 -6.55
C ILE A 59 -4.43 -15.92 -7.86
N GLN A 60 -5.14 -16.23 -8.95
CA GLN A 60 -4.46 -16.44 -10.21
C GLN A 60 -3.82 -15.16 -10.71
N ARG A 61 -4.51 -14.03 -10.53
CA ARG A 61 -3.94 -12.75 -10.95
C ARG A 61 -2.70 -12.44 -10.14
N LEU A 62 -2.76 -12.71 -8.84
CA LEU A 62 -1.60 -12.43 -7.99
C LEU A 62 -0.43 -13.34 -8.34
N LEU A 63 -0.71 -14.60 -8.69
CA LEU A 63 0.34 -15.49 -9.16
C LEU A 63 0.96 -14.97 -10.46
N ASP A 64 0.10 -14.56 -11.40
CA ASP A 64 0.60 -14.03 -12.67
C ASP A 64 1.49 -12.81 -12.44
N GLN A 65 1.13 -11.98 -11.48
CA GLN A 65 1.89 -10.78 -11.15
C GLN A 65 3.15 -11.08 -10.33
N GLY A 66 3.34 -12.32 -9.88
CA GLY A 66 4.47 -12.64 -9.03
C GLY A 66 4.33 -12.16 -7.60
N ILE A 67 3.15 -11.69 -7.22
CA ILE A 67 2.91 -11.21 -5.86
C ILE A 67 2.67 -12.38 -4.93
N LEU A 68 2.11 -13.47 -5.45
CA LEU A 68 2.08 -14.75 -4.76
C LEU A 68 3.03 -15.71 -5.47
N VAL A 69 3.71 -16.56 -4.69
CA VAL A 69 4.54 -17.64 -5.24
C VAL A 69 4.31 -18.90 -4.43
N PRO A 70 4.55 -20.06 -5.06
CA PRO A 70 4.50 -21.31 -4.29
C PRO A 70 5.61 -21.37 -3.26
N CYS A 71 5.34 -22.10 -2.18
CA CYS A 71 6.36 -22.30 -1.17
C CYS A 71 6.02 -23.52 -0.33
N GLN A 72 6.99 -23.92 0.48
CA GLN A 72 6.81 -24.85 1.58
C GLN A 72 7.29 -24.13 2.84
N SER A 73 6.39 -23.93 3.79
CA SER A 73 6.71 -23.13 4.98
C SER A 73 6.20 -23.79 6.25
N PRO A 74 6.96 -23.71 7.34
CA PRO A 74 6.45 -24.17 8.65
C PRO A 74 5.39 -23.25 9.23
N TRP A 75 5.20 -22.07 8.64
CA TRP A 75 4.16 -21.15 9.02
C TRP A 75 2.96 -21.41 8.13
N ASN A 76 1.77 -21.27 8.70
CA ASN A 76 0.57 -21.30 7.87
C ASN A 76 -0.56 -20.60 8.62
N THR A 77 -1.25 -19.71 7.94
CA THR A 77 -2.44 -19.08 8.51
C THR A 77 -3.59 -19.22 7.53
N PRO A 78 -4.82 -19.17 8.03
CA PRO A 78 -5.96 -19.47 7.15
C PRO A 78 -6.40 -18.31 6.28
N LEU A 79 -6.92 -18.68 5.14
CA LEU A 79 -7.65 -17.79 4.26
C LEU A 79 -9.11 -17.84 4.64
N LEU A 80 -9.76 -16.69 4.64
CA LEU A 80 -11.18 -16.80 4.72
C LEU A 80 -11.81 -16.13 3.52
N PRO A 81 -13.03 -16.55 3.16
CA PRO A 81 -13.85 -15.91 2.13
C PRO A 81 -14.49 -14.62 2.62
N TYR A 90 -16.69 -11.67 -3.18
CA TYR A 90 -15.65 -12.55 -2.68
C TYR A 90 -14.25 -12.06 -3.03
N ARG A 91 -13.34 -12.15 -2.06
CA ARG A 91 -11.93 -11.85 -2.25
C ARG A 91 -11.18 -12.38 -1.03
N PRO A 92 -9.93 -12.83 -1.16
CA PRO A 92 -9.31 -13.53 -0.04
C PRO A 92 -8.89 -12.57 1.05
N VAL A 93 -9.13 -12.97 2.29
CA VAL A 93 -8.68 -12.25 3.47
C VAL A 93 -7.96 -13.25 4.35
N GLN A 94 -6.69 -12.97 4.65
CA GLN A 94 -5.90 -13.87 5.47
C GLN A 94 -5.97 -13.47 6.93
N ASP A 95 -6.14 -14.45 7.81
CA ASP A 95 -6.17 -14.19 9.24
C ASP A 95 -4.74 -14.30 9.76
N LEU A 96 -4.05 -13.17 9.86
CA LEU A 96 -2.66 -13.15 10.28
C LEU A 96 -2.50 -12.90 11.78
N ARG A 97 -3.56 -13.04 12.57
CA ARG A 97 -3.44 -12.68 13.98
C ARG A 97 -2.35 -13.48 14.69
N GLU A 98 -2.20 -14.78 14.38
CA GLU A 98 -1.18 -15.58 15.07
C GLU A 98 0.23 -15.27 14.59
N VAL A 99 0.38 -14.80 13.36
CA VAL A 99 1.68 -14.29 12.91
C VAL A 99 1.99 -12.95 13.59
N ASN A 100 1.00 -12.04 13.60
CA ASN A 100 1.17 -10.72 14.21
C ASN A 100 1.67 -10.83 15.64
N LYS A 101 1.14 -11.80 16.39
CA LYS A 101 1.55 -11.99 17.79
C LYS A 101 3.01 -12.34 17.93
N ARG A 102 3.61 -12.95 16.89
CA ARG A 102 4.97 -13.46 16.97
C ARG A 102 5.99 -12.52 16.35
N VAL A 103 5.52 -11.41 15.77
CA VAL A 103 6.39 -10.45 15.11
C VAL A 103 6.72 -9.32 16.08
N GLU A 104 7.99 -8.92 16.09
CA GLU A 104 8.41 -7.87 17.01
C GLU A 104 7.70 -6.54 16.72
N ASP A 105 7.29 -5.88 17.79
CA ASP A 105 6.61 -4.61 17.67
C ASP A 105 7.54 -3.52 17.16
N ILE A 106 6.98 -2.59 16.38
CA ILE A 106 7.72 -1.39 16.01
C ILE A 106 6.96 -0.16 16.52
N HIS A 107 7.69 0.95 16.67
CA HIS A 107 7.07 2.18 17.11
C HIS A 107 6.02 2.62 16.10
N PRO A 108 4.81 2.96 16.52
CA PRO A 108 3.82 3.48 15.57
C PRO A 108 4.08 4.92 15.15
N THR A 109 4.60 5.13 13.94
CA THR A 109 5.01 6.46 13.50
C THR A 109 4.00 7.15 12.59
N VAL A 110 2.92 6.47 12.20
CA VAL A 110 1.89 7.13 11.40
C VAL A 110 1.14 8.10 12.30
N PRO A 111 1.14 9.40 11.98
CA PRO A 111 0.41 10.36 12.81
C PRO A 111 -1.09 10.15 12.68
N ASN A 112 -1.82 10.47 13.75
CA ASN A 112 -3.29 10.46 13.64
C ASN A 112 -3.74 11.60 12.74
N PRO A 113 -4.82 11.41 12.00
CA PRO A 113 -5.23 12.43 11.00
C PRO A 113 -5.47 13.82 11.58
N TYR A 114 -6.02 13.91 12.79
CA TYR A 114 -6.20 15.23 13.41
C TYR A 114 -4.87 15.97 13.49
N ASN A 115 -3.85 15.32 14.04
CA ASN A 115 -2.54 15.96 14.14
C ASN A 115 -1.92 16.20 12.78
N LEU A 116 -2.09 15.26 11.84
CA LEU A 116 -1.53 15.47 10.51
C LEU A 116 -2.11 16.73 9.86
N LEU A 117 -3.40 17.01 10.08
CA LEU A 117 -3.99 18.17 9.44
C LEU A 117 -3.61 19.48 10.11
N SER A 118 -3.09 19.43 11.35
CA SER A 118 -2.63 20.65 12.00
C SER A 118 -1.49 21.31 11.23
N GLY A 119 -0.73 20.54 10.47
CA GLY A 119 0.33 21.08 9.65
C GLY A 119 -0.10 21.72 8.35
N LEU A 120 -1.40 22.00 8.19
CA LEU A 120 -1.90 22.60 6.96
C LEU A 120 -2.21 24.08 7.22
N PRO A 121 -1.40 25.01 6.72
CA PRO A 121 -1.60 26.43 7.04
C PRO A 121 -2.67 27.04 6.16
N PRO A 122 -3.19 28.22 6.52
CA PRO A 122 -4.19 28.88 5.68
C PRO A 122 -3.62 29.53 4.43
N SER A 123 -2.31 29.75 4.35
CA SER A 123 -1.72 30.32 3.15
C SER A 123 -1.80 29.40 1.95
N HIS A 124 -1.97 28.09 2.19
CA HIS A 124 -2.02 27.10 1.11
C HIS A 124 -3.45 26.57 1.02
N GLN A 125 -4.21 27.07 0.04
CA GLN A 125 -5.61 26.70 -0.12
C GLN A 125 -5.91 25.99 -1.43
N TRP A 126 -4.90 25.73 -2.26
CA TRP A 126 -5.05 24.93 -3.47
C TRP A 126 -4.55 23.51 -3.20
N TYR A 127 -5.41 22.52 -3.43
CA TYR A 127 -5.16 21.16 -2.99
C TYR A 127 -5.09 20.19 -4.17
N THR A 128 -4.24 19.17 -4.03
CA THR A 128 -4.29 17.97 -4.86
C THR A 128 -4.29 16.79 -3.91
N VAL A 129 -5.21 15.85 -4.12
CA VAL A 129 -5.30 14.65 -3.29
C VAL A 129 -5.13 13.44 -4.19
N LEU A 130 -4.18 12.59 -3.83
CA LEU A 130 -3.93 11.34 -4.52
C LEU A 130 -4.06 10.20 -3.53
N ASP A 131 -4.53 9.06 -4.01
CA ASP A 131 -4.51 7.84 -3.20
C ASP A 131 -3.77 6.79 -3.98
N LEU A 132 -2.79 6.16 -3.34
CA LEU A 132 -2.01 5.16 -4.02
C LEU A 132 -2.74 3.83 -4.04
N LYS A 133 -2.73 3.18 -5.18
CA LYS A 133 -3.42 1.91 -5.36
C LYS A 133 -2.47 0.76 -5.08
N ASP A 134 -2.96 -0.23 -4.34
CA ASP A 134 -2.21 -1.43 -4.01
C ASP A 134 -0.86 -1.07 -3.39
N ALA A 135 -0.92 -0.12 -2.46
CA ALA A 135 0.30 0.49 -1.93
C ALA A 135 1.21 -0.54 -1.28
N PHE A 136 0.66 -1.35 -0.37
CA PHE A 136 1.49 -2.33 0.32
C PHE A 136 2.18 -3.25 -0.66
N PHE A 137 1.48 -3.64 -1.73
CA PHE A 137 2.07 -4.55 -2.69
C PHE A 137 3.23 -3.93 -3.45
N CYS A 138 3.45 -2.62 -3.36
CA CYS A 138 4.60 -2.02 -4.00
C CYS A 138 5.89 -2.31 -3.25
N LEU A 139 5.83 -2.69 -1.99
CA LEU A 139 7.03 -2.94 -1.20
C LEU A 139 7.35 -4.42 -1.20
N ARG A 140 8.57 -4.76 -1.62
CA ARG A 140 8.99 -6.15 -1.63
C ARG A 140 9.30 -6.67 -0.22
N LEU A 141 9.08 -7.97 -0.03
CA LEU A 141 9.50 -8.70 1.16
C LEU A 141 10.78 -9.46 0.86
N HIS A 142 11.74 -9.40 1.78
CA HIS A 142 12.95 -10.19 1.64
C HIS A 142 12.61 -11.68 1.65
N PRO A 143 13.26 -12.48 0.82
CA PRO A 143 12.95 -13.92 0.78
C PRO A 143 13.02 -14.60 2.14
N THR A 144 13.85 -14.12 3.06
CA THR A 144 13.89 -14.74 4.38
C THR A 144 12.60 -14.53 5.16
N SER A 145 11.88 -13.45 4.88
CA SER A 145 10.63 -13.13 5.58
C SER A 145 9.39 -13.65 4.86
N GLN A 146 9.51 -14.02 3.59
CA GLN A 146 8.33 -14.50 2.86
C GLN A 146 7.65 -15.71 3.49
N PRO A 147 8.37 -16.72 4.02
CA PRO A 147 7.65 -17.90 4.54
C PRO A 147 6.70 -17.58 5.69
N LEU A 148 6.92 -16.47 6.39
CA LEU A 148 6.08 -16.08 7.52
C LEU A 148 4.60 -16.02 7.15
N PHE A 149 4.30 -15.63 5.92
CA PHE A 149 2.94 -15.26 5.54
C PHE A 149 2.25 -16.33 4.70
N ALA A 150 2.74 -17.57 4.74
CA ALA A 150 2.22 -18.63 3.86
C ALA A 150 0.79 -19.04 4.23
N PHE A 151 0.05 -19.47 3.22
CA PHE A 151 -1.29 -20.03 3.41
C PHE A 151 -1.46 -21.18 2.43
N GLU A 152 -2.48 -22.00 2.67
CA GLU A 152 -2.73 -23.14 1.81
C GLU A 152 -3.68 -22.78 0.67
N TRP A 153 -3.41 -23.29 -0.53
CA TRP A 153 -4.34 -23.08 -1.63
C TRP A 153 -4.64 -24.41 -2.31
N ARG A 154 -5.94 -24.74 -2.39
CA ARG A 154 -6.41 -25.98 -2.96
C ARG A 154 -7.15 -25.70 -4.26
N ASP A 155 -6.86 -26.48 -5.30
CA ASP A 155 -7.60 -26.47 -6.56
C ASP A 155 -8.10 -27.89 -6.79
N PRO A 156 -9.27 -28.25 -6.26
CA PRO A 156 -9.71 -29.65 -6.34
C PRO A 156 -9.89 -30.16 -7.75
N GLU A 157 -10.44 -29.34 -8.65
CA GLU A 157 -10.63 -29.75 -10.04
C GLU A 157 -9.39 -29.55 -10.89
N MET A 158 -8.29 -29.08 -10.29
CA MET A 158 -6.97 -29.13 -10.91
C MET A 158 -6.04 -30.11 -10.20
N GLY A 159 -6.23 -30.31 -8.90
CA GLY A 159 -5.42 -31.26 -8.17
C GLY A 159 -4.11 -30.66 -7.73
N ILE A 160 -4.15 -29.45 -7.19
CA ILE A 160 -2.98 -28.79 -6.64
C ILE A 160 -3.30 -28.39 -5.20
N SER A 161 -2.70 -29.08 -4.25
CA SER A 161 -2.74 -28.69 -2.85
C SER A 161 -1.31 -28.39 -2.40
N GLY A 162 -1.11 -27.19 -1.89
CA GLY A 162 0.20 -26.76 -1.45
C GLY A 162 0.07 -25.34 -0.94
N GLN A 163 1.19 -24.80 -0.48
CA GLN A 163 1.18 -23.47 0.07
C GLN A 163 1.60 -22.42 -0.95
N LEU A 164 1.08 -21.20 -0.76
CA LEU A 164 1.55 -20.02 -1.43
C LEU A 164 1.99 -19.02 -0.38
N THR A 165 2.82 -18.05 -0.80
CA THR A 165 3.06 -16.95 0.10
C THR A 165 3.28 -15.66 -0.70
N TRP A 166 3.41 -14.56 0.03
CA TRP A 166 3.50 -13.22 -0.53
C TRP A 166 4.96 -12.87 -0.77
N THR A 167 5.22 -12.17 -1.88
CA THR A 167 6.54 -11.59 -2.13
C THR A 167 6.55 -10.10 -1.85
N ARG A 168 5.41 -9.54 -1.42
CA ARG A 168 5.25 -8.12 -1.13
C ARG A 168 4.60 -7.98 0.24
N LEU A 169 4.70 -6.79 0.82
CA LEU A 169 4.12 -6.49 2.11
C LEU A 169 2.61 -6.84 2.11
N PRO A 170 2.16 -7.73 2.99
CA PRO A 170 0.78 -8.23 2.89
C PRO A 170 -0.25 -7.40 3.64
N GLN A 171 -1.48 -7.48 3.13
CA GLN A 171 -2.63 -7.03 3.90
C GLN A 171 -2.78 -7.88 5.16
N GLY A 172 -3.29 -7.25 6.22
CA GLY A 172 -3.56 -7.94 7.45
C GLY A 172 -2.38 -8.04 8.38
N PHE A 173 -1.19 -7.65 7.92
CA PHE A 173 0.01 -7.70 8.74
C PHE A 173 0.09 -6.42 9.55
N LYS A 174 0.35 -6.56 10.85
CA LYS A 174 0.15 -5.45 11.78
C LYS A 174 1.07 -4.28 11.50
N ASN A 175 2.25 -4.51 10.92
CA ASN A 175 3.20 -3.44 10.66
C ASN A 175 3.15 -2.88 9.25
N SER A 176 2.24 -3.34 8.40
CA SER A 176 2.25 -2.86 7.03
C SER A 176 2.00 -1.36 6.90
N PRO A 177 1.01 -0.78 7.57
CA PRO A 177 0.80 0.68 7.39
C PRO A 177 2.00 1.50 7.80
N THR A 178 2.62 1.15 8.95
CA THR A 178 3.76 1.91 9.42
C THR A 178 4.97 1.71 8.49
N LEU A 179 5.22 0.47 8.07
CA LEU A 179 6.35 0.25 7.17
C LEU A 179 6.14 0.95 5.84
N PHE A 180 4.91 0.96 5.33
CA PHE A 180 4.69 1.66 4.06
C PHE A 180 4.87 3.16 4.23
N ASP A 181 4.31 3.72 5.29
CA ASP A 181 4.43 5.16 5.53
C ASP A 181 5.90 5.57 5.64
N GLU A 182 6.68 4.75 6.36
CA GLU A 182 8.10 5.08 6.50
C GLU A 182 8.82 4.97 5.17
N ALA A 183 8.50 3.96 4.36
CA ALA A 183 9.13 3.81 3.06
C ALA A 183 8.81 4.98 2.15
N LEU A 184 7.54 5.37 2.07
CA LEU A 184 7.18 6.47 1.18
C LEU A 184 7.81 7.77 1.63
N HIS A 185 7.95 7.97 2.94
CA HIS A 185 8.64 9.16 3.46
C HIS A 185 10.09 9.20 3.00
N ARG A 186 10.78 8.06 3.04
CA ARG A 186 12.14 8.01 2.50
C ARG A 186 12.15 8.38 1.01
N ASP A 187 11.20 7.85 0.24
CA ASP A 187 11.20 8.05 -1.19
C ASP A 187 10.76 9.45 -1.60
N LEU A 188 10.02 10.17 -0.75
CA LEU A 188 9.59 11.52 -1.10
C LEU A 188 10.43 12.58 -0.41
N ALA A 189 11.48 12.17 0.30
CA ALA A 189 12.31 13.13 1.02
C ALA A 189 12.89 14.17 0.08
N ASP A 190 13.37 13.73 -1.08
CA ASP A 190 14.01 14.68 -2.00
C ASP A 190 13.00 15.59 -2.67
N PHE A 191 11.79 15.09 -2.94
CA PHE A 191 10.73 15.94 -3.48
C PHE A 191 10.44 17.12 -2.55
N ARG A 192 10.35 16.84 -1.25
CA ARG A 192 10.13 17.90 -0.27
C ARG A 192 11.26 18.92 -0.32
N ILE A 193 12.50 18.45 -0.46
CA ILE A 193 13.64 19.36 -0.48
C ILE A 193 13.63 20.22 -1.74
N GLN A 194 13.24 19.62 -2.87
CA GLN A 194 13.19 20.33 -4.15
C GLN A 194 12.00 21.27 -4.25
N HIS A 195 11.00 21.14 -3.40
CA HIS A 195 9.79 21.96 -3.46
C HIS A 195 9.44 22.47 -2.07
N PRO A 196 10.25 23.39 -1.53
CA PRO A 196 10.02 23.84 -0.14
C PRO A 196 8.80 24.72 0.00
N ASP A 197 8.23 25.21 -1.11
CA ASP A 197 7.03 26.02 -1.07
C ASP A 197 5.77 25.19 -0.84
N LEU A 198 5.80 23.90 -1.15
CA LEU A 198 4.61 23.06 -1.10
C LEU A 198 4.47 22.37 0.24
N ILE A 199 3.23 22.06 0.61
CA ILE A 199 2.90 21.28 1.79
C ILE A 199 2.46 19.90 1.30
N LEU A 200 3.15 18.86 1.80
CA LEU A 200 2.82 17.47 1.45
C LEU A 200 2.48 16.72 2.74
N LEU A 201 1.24 16.30 2.87
CA LEU A 201 0.80 15.46 3.98
C LEU A 201 0.70 14.02 3.50
N GLN A 202 1.25 13.10 4.29
CA GLN A 202 1.21 11.67 3.96
C GLN A 202 0.50 10.92 5.07
N TYR A 203 -0.51 10.13 4.72
CA TYR A 203 -1.15 9.21 5.66
C TYR A 203 -1.21 7.85 4.99
N VAL A 204 -0.14 7.06 5.16
CA VAL A 204 -0.01 5.76 4.53
C VAL A 204 -0.14 5.95 3.02
N ASP A 205 -1.27 5.53 2.41
CA ASP A 205 -1.39 5.65 0.97
C ASP A 205 -2.21 6.88 0.52
N ASP A 206 -2.54 7.79 1.43
CA ASP A 206 -3.39 8.93 1.14
C ASP A 206 -2.56 10.21 1.22
N LEU A 207 -2.42 10.91 0.10
CA LEU A 207 -1.50 12.04 -0.03
C LEU A 207 -2.25 13.33 -0.33
N LEU A 208 -1.86 14.41 0.35
CA LEU A 208 -2.37 15.74 0.06
C LEU A 208 -1.21 16.66 -0.27
N LEU A 209 -1.28 17.31 -1.43
CA LEU A 209 -0.37 18.38 -1.81
C LEU A 209 -1.13 19.70 -1.75
N ALA A 210 -0.52 20.70 -1.12
CA ALA A 210 -1.10 22.03 -0.96
C ALA A 210 -0.15 23.10 -1.46
N ALA A 211 -0.70 24.10 -2.17
CA ALA A 211 0.11 25.17 -2.75
C ALA A 211 -0.61 26.51 -2.56
N THR A 212 0.08 27.58 -2.97
CA THR A 212 -0.47 28.93 -2.83
C THR A 212 -1.39 29.29 -3.98
N SER A 213 -1.06 28.86 -5.19
CA SER A 213 -1.78 29.25 -6.39
C SER A 213 -2.15 28.01 -7.20
N GLU A 214 -3.07 28.21 -8.15
CA GLU A 214 -3.42 27.12 -9.04
C GLU A 214 -2.24 26.71 -9.89
N LEU A 215 -1.46 27.69 -10.38
CA LEU A 215 -0.25 27.37 -11.15
C LEU A 215 0.73 26.58 -10.32
N ASP A 216 1.00 27.02 -9.09
CA ASP A 216 1.91 26.29 -8.21
C ASP A 216 1.40 24.88 -7.94
N CYS A 217 0.13 24.76 -7.53
CA CYS A 217 -0.45 23.44 -7.29
C CYS A 217 -0.44 22.61 -8.56
N GLN A 218 -0.58 23.26 -9.72
CA GLN A 218 -0.50 22.53 -10.98
C GLN A 218 0.90 22.03 -11.23
N GLN A 219 1.91 22.89 -11.04
CA GLN A 219 3.29 22.50 -11.27
C GLN A 219 3.76 21.46 -10.26
N GLY A 220 3.39 21.64 -8.99
CA GLY A 220 3.76 20.66 -7.98
C GLY A 220 3.17 19.29 -8.26
N THR A 221 1.89 19.26 -8.65
CA THR A 221 1.24 17.99 -8.95
C THR A 221 1.92 17.29 -10.11
N ARG A 222 2.29 18.03 -11.15
CA ARG A 222 3.06 17.44 -12.24
C ARG A 222 4.36 16.85 -11.73
N ALA A 223 5.05 17.57 -10.84
CA ALA A 223 6.30 17.06 -10.30
C ALA A 223 6.05 15.83 -9.43
N LEU A 224 4.98 15.86 -8.63
CA LEU A 224 4.70 14.76 -7.72
C LEU A 224 4.31 13.50 -8.48
N LEU A 225 3.44 13.63 -9.48
CA LEU A 225 3.10 12.46 -10.27
C LEU A 225 4.31 11.89 -10.99
N GLN A 226 5.13 12.77 -11.58
CA GLN A 226 6.34 12.31 -12.23
C GLN A 226 7.22 11.55 -11.26
N THR A 227 7.36 12.09 -10.05
CA THR A 227 8.19 11.47 -9.03
C THR A 227 7.61 10.14 -8.57
N LEU A 228 6.32 10.11 -8.23
CA LEU A 228 5.69 8.86 -7.77
C LEU A 228 5.82 7.76 -8.81
N GLY A 229 5.49 8.06 -10.08
CA GLY A 229 5.58 7.03 -11.10
C GLY A 229 7.01 6.53 -11.30
N ASN A 230 7.97 7.45 -11.25
CA ASN A 230 9.36 7.08 -11.41
C ASN A 230 9.84 6.15 -10.29
N LEU A 231 9.36 6.40 -9.07
CA LEU A 231 9.72 5.59 -7.92
C LEU A 231 9.02 4.23 -7.91
N GLY A 232 7.98 4.06 -8.72
CA GLY A 232 7.28 2.79 -8.79
C GLY A 232 5.95 2.75 -8.09
N TYR A 233 5.44 3.88 -7.60
CA TYR A 233 4.12 3.90 -6.99
C TYR A 233 3.08 4.28 -8.05
N ARG A 234 1.82 3.99 -7.74
CA ARG A 234 0.73 4.17 -8.69
C ARG A 234 -0.45 4.81 -7.98
N ALA A 235 -0.98 5.89 -8.55
CA ALA A 235 -2.12 6.60 -7.98
C ALA A 235 -3.39 6.28 -8.77
N SER A 236 -4.54 6.37 -8.09
CA SER A 236 -5.82 6.10 -8.73
C SER A 236 -6.27 7.33 -9.52
N ALA A 237 -6.29 7.21 -10.85
CA ALA A 237 -6.77 8.32 -11.67
C ALA A 237 -8.25 8.59 -11.43
N LYS A 238 -9.02 7.55 -11.05
CA LYS A 238 -10.45 7.73 -10.87
C LYS A 238 -10.76 8.53 -9.61
N LYS A 239 -9.97 8.38 -8.56
CA LYS A 239 -10.24 9.06 -7.30
C LYS A 239 -9.50 10.37 -7.14
N ALA A 240 -8.52 10.66 -8.00
CA ALA A 240 -7.69 11.84 -7.84
C ALA A 240 -8.54 13.11 -7.82
N GLN A 241 -8.19 14.01 -6.91
CA GLN A 241 -8.76 15.36 -6.85
C GLN A 241 -7.61 16.32 -7.15
N ILE A 242 -7.58 16.88 -8.35
CA ILE A 242 -6.42 17.57 -8.89
C ILE A 242 -6.67 19.07 -8.91
N CYS A 243 -5.82 19.81 -8.20
CA CYS A 243 -5.80 21.28 -8.22
C CYS A 243 -7.19 21.87 -8.02
N GLN A 244 -7.79 21.53 -6.89
CA GLN A 244 -9.10 22.05 -6.51
C GLN A 244 -8.98 22.92 -5.28
N LYS A 245 -9.93 23.86 -5.15
CA LYS A 245 -10.05 24.65 -3.93
C LYS A 245 -10.77 23.89 -2.83
N GLN A 246 -11.40 22.76 -3.16
CA GLN A 246 -12.21 22.00 -2.23
C GLN A 246 -11.94 20.53 -2.48
N VAL A 247 -11.48 19.80 -1.46
CA VAL A 247 -11.18 18.38 -1.59
C VAL A 247 -11.66 17.63 -0.35
N LYS A 248 -11.85 16.33 -0.53
CA LYS A 248 -12.10 15.41 0.57
C LYS A 248 -10.80 14.67 0.86
N TYR A 249 -10.33 14.76 2.11
CA TYR A 249 -9.07 14.14 2.51
C TYR A 249 -9.24 13.57 3.91
N LEU A 250 -9.01 12.26 4.05
CA LEU A 250 -9.01 11.57 5.34
C LEU A 250 -10.33 11.79 6.08
N GLY A 251 -11.43 11.73 5.34
CA GLY A 251 -12.74 11.86 5.96
C GLY A 251 -13.16 13.28 6.26
N TYR A 252 -12.34 14.27 5.95
CA TYR A 252 -12.69 15.66 6.13
C TYR A 252 -13.02 16.31 4.78
N LEU A 253 -13.81 17.36 4.84
CA LEU A 253 -13.99 18.24 3.69
C LEU A 253 -13.13 19.47 3.93
N LEU A 254 -12.15 19.69 3.06
CA LEU A 254 -11.23 20.82 3.17
C LEU A 254 -11.74 21.93 2.27
N LYS A 255 -12.17 23.03 2.89
CA LYS A 255 -12.77 24.14 2.16
C LYS A 255 -12.53 25.43 2.93
N GLU A 256 -11.94 26.42 2.27
CA GLU A 256 -11.65 27.72 2.89
C GLU A 256 -10.82 27.56 4.16
N GLY A 257 -9.81 26.70 4.11
CA GLY A 257 -8.98 26.46 5.26
C GLY A 257 -9.69 25.83 6.45
N GLN A 258 -10.96 25.46 6.30
CA GLN A 258 -11.73 24.92 7.42
C GLN A 258 -11.63 23.40 7.48
N ARG A 259 -11.80 22.87 8.69
CA ARG A 259 -11.74 21.43 8.96
C ARG A 259 -10.37 20.86 8.59
C1 JSP B 4 -13.59 -12.24 21.68
C1' JSP B 4 -12.44 -11.44 22.39
C2 JSP B 4 -14.52 -11.68 20.87
C2' JSP B 4 -11.65 -12.27 23.40
C3' JSP B 4 -10.45 -11.36 23.56
C4 JSP B 4 -15.53 -13.63 20.52
C4' JSP B 4 -10.19 -10.93 22.12
C5' JSP B 4 -9.11 -11.72 21.41
C6 JSP B 4 -13.65 -13.55 21.91
C7 JSP B 4 -14.75 -15.71 21.53
N2 JSP B 4 -14.45 -10.42 20.67
N3 JSP B 4 -15.43 -12.38 20.33
N5 JSP B 4 -14.62 -14.27 21.33
O3' JSP B 4 -10.79 -10.22 24.33
O4 JSP B 4 -16.41 -14.26 19.99
O4' JSP B 4 -11.47 -11.06 21.44
O5' JSP B 4 -8.61 -12.75 22.26
OP1 JSP B 4 -6.58 -13.88 21.36
OP2 JSP B 4 -8.49 -15.23 22.41
P JSP B 4 -8.02 -14.08 21.60
C1 JSP B 5 -14.73 -9.01 24.60
C1' JSP B 5 -13.95 -7.70 24.91
C2 JSP B 5 -15.78 -9.09 23.76
C2' JSP B 5 -13.11 -7.81 26.18
C3' JSP B 5 -12.12 -6.68 25.95
C4 JSP B 5 -16.03 -11.28 24.12
C4' JSP B 5 -11.85 -6.78 24.45
C5' JSP B 5 -10.55 -7.50 24.10
C6 JSP B 5 -14.33 -10.13 25.22
C7 JSP B 5 -14.57 -12.55 25.62
N2 JSP B 5 -16.14 -8.02 23.20
N3 JSP B 5 -16.37 -10.20 23.55
N5 JSP B 5 -14.97 -11.29 24.99
O3' JSP B 5 -12.73 -5.42 26.22
O4 JSP B 5 -16.64 -12.31 23.87
O4' JSP B 5 -13.01 -7.44 23.88
O5' JSP B 5 -9.92 -8.04 25.26
OP1 JSP B 5 -8.40 -10.01 25.01
OP2 JSP B 5 -10.28 -10.02 26.76
P JSP B 5 -9.77 -9.62 25.42
P 1WA B 6 -11.96 -4.35 27.15
N1 1WA B 6 -17.94 -8.92 26.45
C2 1WA B 6 -18.24 -7.80 25.81
N2 1WA B 6 -19.15 -7.86 24.84
N3 1WA B 6 -17.74 -6.57 26.02
C4 1WA B 6 -16.86 -6.55 26.98
N5 1WA B 6 -16.46 -7.62 27.69
C6 1WA B 6 -17.03 -8.92 27.44
O6 1WA B 6 -16.65 -9.83 28.10
C7 1WA B 6 -15.51 -7.22 28.63
C8 1WA B 6 -15.33 -5.92 28.47
N9 1WA B 6 -16.18 -5.49 27.44
C1' 1WA B 6 -16.34 -4.13 26.90
C2' 1WA B 6 -16.20 -3.03 27.92
C3' 1WA B 6 -15.80 -1.86 27.02
O3' 1WA B 6 -17.05 -1.27 26.62
C4' 1WA B 6 -14.92 -2.50 25.94
O4' 1WA B 6 -15.31 -3.91 25.93
C5' 1WA B 6 -13.43 -2.39 26.09
O5' 1WA B 6 -13.00 -3.13 27.25
OP1 1WA B 6 -10.69 -3.99 26.48
OP2 1WA B 6 -11.94 -4.87 28.58
P IGU B 7 -17.62 0.03 27.38
OP1 IGU B 7 -17.05 1.22 26.76
OP2 IGU B 7 -17.48 -0.17 28.83
O5' IGU B 7 -19.15 0.05 27.01
C5' IGU B 7 -19.90 -1.12 27.30
C4' IGU B 7 -20.81 -1.44 26.16
O4' IGU B 7 -20.59 -2.82 25.83
C3' IGU B 7 -22.31 -1.35 26.37
O3' IGU B 7 -23.06 -1.09 25.18
C2' IGU B 7 -22.62 -2.69 27.06
C1' IGU B 7 -21.50 -3.61 26.59
N9 IGU B 7 -20.83 -4.55 27.40
C8 IGU B 7 -19.87 -4.31 28.19
N7 IGU B 7 -19.48 -5.32 28.81
C6 IGU B 7 -20.22 -7.52 28.72
N6 IGU B 7 -19.41 -7.98 29.56
C5 IGU B 7 -20.22 -6.24 28.39
N1 IGU B 7 -21.14 -8.30 28.12
C2 IGU B 7 -22.02 -7.76 27.21
O2 IGU B 7 -22.83 -8.48 26.67
N3 IGU B 7 -21.95 -6.52 26.93
C4 IGU B 7 -21.09 -5.77 27.49
N 1W5 B 8 -22.64 -4.05 30.51
P 1W5 B 8 -24.59 -0.59 25.30
C1 1W5 B 8 -25.22 -5.60 28.37
C2 1W5 B 8 -25.20 -6.97 28.82
O2 1W5 B 8 -25.87 -7.88 28.42
N3 1W5 B 8 -24.27 -7.24 29.85
C4 1W5 B 8 -23.43 -6.36 30.44
N4 1W5 B 8 -22.63 -6.81 31.41
C5 1W5 B 8 -23.48 -5.05 29.97
C6 1W5 B 8 -24.39 -4.71 28.93
C1' 1W5 B 8 -26.14 -5.29 27.30
C2' 1W5 B 8 -27.01 -4.13 27.67
C3' 1W5 B 8 -27.64 -3.60 26.37
O3' 1W5 B 8 -28.83 -4.35 26.07
C4' 1W5 B 8 -26.54 -3.94 25.39
O4' 1W5 B 8 -25.52 -4.67 26.15
C5' 1W5 B 8 -26.00 -2.68 24.71
O5' 1W5 B 8 -25.41 -1.90 25.74
ON1 1W5 B 8 -22.75 -2.91 30.12
ON2 1W5 B 8 -21.84 -4.38 31.33
OP1 1W5 B 8 -25.10 -0.36 23.94
OP2 1W5 B 8 -24.63 0.54 26.30
P 1WA C 1 -20.65 -17.29 37.20
N1 1WA C 1 -22.84 -9.62 31.25
C2 1WA C 1 -23.63 -10.62 30.96
N2 1WA C 1 -24.66 -10.38 30.13
N3 1WA C 1 -23.55 -11.91 31.39
C4 1WA C 1 -22.54 -12.09 32.19
N5 1WA C 1 -21.67 -11.14 32.56
C6 1WA C 1 -21.80 -9.80 32.08
O6 1WA C 1 -21.00 -8.99 32.44
C7 1WA C 1 -20.72 -11.70 33.43
C8 1WA C 1 -21.03 -12.99 33.56
N9 1WA C 1 -22.17 -13.23 32.79
C1' 1WA C 1 -22.89 -14.51 32.64
C2' 1WA C 1 -22.15 -15.50 31.74
C3' 1WA C 1 -22.29 -16.83 32.47
O3' 1WA C 1 -23.38 -17.52 31.81
C4' 1WA C 1 -22.42 -16.44 33.94
O4' 1WA C 1 -23.01 -15.11 33.93
C5' 1WA C 1 -21.15 -16.40 34.76
O5' 1WA C 1 -21.14 -17.49 35.70
OP1 1WA C 1 -20.87 -18.45 38.08
OP2 1WA C 1 -19.23 -16.77 37.00
C1 JSP C 2 -22.46 -13.04 28.22
C1' JSP C 2 -23.70 -13.84 27.68
C2 JSP C 2 -22.28 -11.72 28.05
C2' JSP C 2 -23.37 -14.92 26.66
C3' JSP C 2 -24.64 -15.77 26.74
C4 JSP C 2 -20.36 -11.71 29.18
C4' JSP C 2 -25.07 -15.64 28.20
C5' JSP C 2 -24.90 -16.88 29.07
C6 JSP C 2 -21.53 -13.72 28.92
C7 JSP C 2 -19.39 -13.71 30.17
N2 JSP C 2 -23.18 -11.10 27.40
N3 JSP C 2 -21.27 -11.12 28.53
N5 JSP C 2 -20.46 -13.06 29.41
O3' JSP C 2 -25.68 -15.24 25.91
O4 JSP C 2 -19.41 -11.08 29.61
O4' JSP C 2 -24.31 -14.53 28.74
O5' JSP C 2 -23.51 -17.17 29.31
OP1 JSP C 2 -24.08 -19.39 30.31
OP2 JSP C 2 -21.67 -18.51 30.32
P JSP C 2 -23.13 -18.26 30.41
N 1W5 C 3 -19.62 -14.30 25.78
P 1W5 C 3 -25.84 -15.75 24.40
C1 1W5 C 3 -21.79 -11.91 23.97
C2 1W5 C 3 -21.16 -10.64 24.30
O2 1W5 C 3 -21.51 -9.56 23.93
N3 1W5 C 3 -20.03 -10.73 25.13
C4 1W5 C 3 -19.49 -11.86 25.64
N4 1W5 C 3 -18.41 -11.71 26.41
C5 1W5 C 3 -20.12 -13.06 25.31
C6 1W5 C 3 -21.27 -13.04 24.46
C1' 1W5 C 3 -22.94 -11.80 23.12
C2' 1W5 C 3 -23.27 -13.19 22.62
C3' 1W5 C 3 -24.68 -13.12 22.04
O3' 1W5 C 3 -24.64 -12.40 20.80
C4' 1W5 C 3 -25.31 -12.29 23.16
O4' 1W5 C 3 -24.21 -11.52 23.75
C5' 1W5 C 3 -25.97 -13.17 24.22
O5' 1W5 C 3 -26.21 -14.41 23.58
ON1 1W5 C 3 -20.24 -15.32 25.53
ON2 1W5 C 3 -18.62 -14.29 26.43
OP1 1W5 C 3 -27.09 -16.51 24.32
OP2 1W5 C 3 -24.54 -16.40 23.98
P IGU C 4 -25.73 -12.68 19.66
OP1 IGU C 4 -27.06 -12.82 20.28
OP2 IGU C 4 -25.23 -13.74 18.80
O5' IGU C 4 -25.72 -11.36 18.78
C5' IGU C 4 -25.55 -10.11 19.42
C4' IGU C 4 -24.40 -9.37 18.83
O4' IGU C 4 -23.22 -9.77 19.55
C3' IGU C 4 -24.05 -9.55 17.36
O3' IGU C 4 -23.64 -8.31 16.74
C2' IGU C 4 -23.02 -10.70 17.39
C1' IGU C 4 -22.29 -10.41 18.70
N9 IGU C 4 -21.54 -11.35 19.44
C8 IGU C 4 -21.75 -12.60 19.38
N7 IGU C 4 -20.98 -13.27 20.11
C6 IGU C 4 -19.27 -12.58 21.50
N6 IGU C 4 -18.94 -13.71 21.89
C5 IGU C 4 -20.26 -12.39 20.63
N1 IGU C 4 -18.64 -11.46 21.93
C2 IGU C 4 -19.02 -10.22 21.47
O2 IGU C 4 -18.43 -9.24 21.88
N3 IGU C 4 -19.99 -10.13 20.64
C4 IGU C 4 -20.60 -11.17 20.22
P IGU C 5 -24.24 -7.91 15.31
OP1 IGU C 5 -25.69 -7.84 15.41
OP2 IGU C 5 -23.64 -8.79 14.29
O5' IGU C 5 -23.76 -6.42 15.06
C5' IGU C 5 -22.85 -5.77 15.93
C4' IGU C 5 -21.45 -5.95 15.45
O4' IGU C 5 -21.04 -7.13 16.14
C3' IGU C 5 -21.23 -6.28 13.97
O3' IGU C 5 -20.75 -5.24 13.08
C2' IGU C 5 -20.33 -7.55 13.98
C1' IGU C 5 -19.95 -7.69 15.46
N9 IGU C 5 -19.62 -8.93 16.05
C8 IGU C 5 -20.18 -10.01 15.69
N7 IGU C 5 -19.77 -11.01 16.30
C6 IGU C 5 -18.16 -11.20 17.95
N6 IGU C 5 -18.28 -12.43 18.08
C5 IGU C 5 -18.91 -10.53 17.07
N1 IGU C 5 -17.29 -10.47 18.67
C2 IGU C 5 -17.22 -9.11 18.49
O2 IGU C 5 -16.43 -8.48 19.15
N3 IGU C 5 -17.97 -8.55 17.62
C4 IGU C 5 -18.79 -9.21 16.94
#